data_1ENO
#
_entry.id   1ENO
#
_cell.length_a   70.500
_cell.length_b   70.500
_cell.length_c   117.800
_cell.angle_alpha   90.00
_cell.angle_beta   90.00
_cell.angle_gamma   90.00
#
_symmetry.space_group_name_H-M   'P 42 21 2'
#
loop_
_entity.id
_entity.type
_entity.pdbx_description
1 polymer 'ENOYL ACYL CARRIER PROTEIN REDUCTASE'
2 non-polymer NICOTINAMIDE-ADENINE-DINUCLEOTIDE
3 water water
#
_entity_poly.entity_id   1
_entity_poly.type   'polypeptide(L)'
_entity_poly.pdbx_seq_one_letter_code
;SESSESKASSGLPIDLRGKRAFIAGIADDNGYGWAVAKSLAAAGAEILVGTWVPALNIFETSLRRGKFDQSRVLPDGSLM
EIKKVYPLDAVFDNPEDVPEDVKANKRYAGSSNWTVQEAAECVRQDFGSIDILVHSLANGPEVSKPLLETSRKGYLAAIS
ASSYSFVSLLSHFLPIMNPGGASISLTYIASERIIPGYGGGMSSAKAALESDTRVLAFEAGRKQNIRVNTISAGPLGSRA
AKAIGFIDTMIEYSYNNAPIQKTLTADEVGNAAAFLVSPLASAITGATIYVDNGLNSMGVALDSPVFKDLDK
;
_entity_poly.pdbx_strand_id   A
#
loop_
_chem_comp.id
_chem_comp.type
_chem_comp.name
_chem_comp.formula
NAD non-polymer NICOTINAMIDE-ADENINE-DINUCLEOTIDE 'C21 H27 N7 O14 P2'
#
# COMPACT_ATOMS: atom_id res chain seq x y z
N LEU A 12 17.61 -14.13 -15.77
CA LEU A 12 17.58 -13.25 -14.60
C LEU A 12 16.17 -12.93 -14.16
N PRO A 13 15.63 -13.89 -13.49
CA PRO A 13 14.27 -13.78 -13.04
C PRO A 13 14.14 -13.15 -11.68
N ILE A 14 13.12 -12.49 -11.54
CA ILE A 14 12.72 -12.13 -10.17
C ILE A 14 11.90 -13.27 -9.57
N ASP A 15 12.61 -14.02 -8.84
CA ASP A 15 12.09 -15.37 -8.56
C ASP A 15 11.52 -15.42 -7.14
N LEU A 16 10.14 -15.51 -6.98
CA LEU A 16 9.53 -15.57 -5.62
C LEU A 16 8.84 -16.90 -5.33
N ARG A 17 9.13 -17.89 -6.17
CA ARG A 17 8.55 -19.24 -5.97
C ARG A 17 8.90 -19.71 -4.58
N GLY A 18 7.94 -20.33 -3.93
CA GLY A 18 8.13 -20.81 -2.59
C GLY A 18 8.00 -19.72 -1.53
N LYS A 19 7.81 -18.46 -1.92
CA LYS A 19 7.66 -17.39 -0.95
C LYS A 19 6.19 -17.04 -0.79
N ARG A 20 5.85 -16.57 0.39
CA ARG A 20 4.49 -16.23 0.68
C ARG A 20 4.40 -14.74 1.09
N ALA A 21 3.41 -14.04 0.51
CA ALA A 21 3.20 -12.61 0.76
C ALA A 21 1.87 -12.31 1.46
N PHE A 22 1.87 -11.39 2.40
CA PHE A 22 0.66 -10.93 3.00
C PHE A 22 0.46 -9.49 2.55
N ILE A 23 -0.57 -9.23 1.80
CA ILE A 23 -0.82 -7.87 1.27
C ILE A 23 -1.97 -7.17 1.99
N ALA A 24 -1.63 -6.15 2.78
CA ALA A 24 -2.66 -5.41 3.51
C ALA A 24 -3.17 -4.21 2.70
N GLY A 25 -4.45 -4.19 2.41
CA GLY A 25 -5.03 -3.05 1.76
C GLY A 25 -5.57 -3.32 0.38
N ILE A 26 -6.29 -4.44 0.19
CA ILE A 26 -6.87 -4.72 -1.11
C ILE A 26 -8.36 -4.76 -1.00
N ALA A 27 -9.05 -3.90 -1.72
CA ALA A 27 -10.50 -3.90 -1.64
C ALA A 27 -11.14 -4.06 -2.97
N ASP A 28 -10.34 -3.89 -3.98
CA ASP A 28 -10.78 -4.00 -5.35
C ASP A 28 -9.60 -4.16 -6.26
N ASP A 29 -9.83 -4.09 -7.57
CA ASP A 29 -8.73 -4.29 -8.54
C ASP A 29 -8.21 -2.98 -9.09
N ASN A 30 -8.56 -1.86 -8.44
CA ASN A 30 -8.19 -0.52 -8.93
C ASN A 30 -7.01 0.20 -8.23
N GLY A 31 -6.46 -0.34 -7.16
CA GLY A 31 -5.40 0.43 -6.50
C GLY A 31 -4.00 -0.15 -6.66
N TYR A 32 -3.06 0.42 -5.90
CA TYR A 32 -1.67 -0.06 -5.94
C TYR A 32 -1.58 -1.45 -5.35
N GLY A 33 -2.45 -1.73 -4.38
CA GLY A 33 -2.39 -3.02 -3.72
C GLY A 33 -2.55 -4.18 -4.68
N TRP A 34 -3.59 -4.07 -5.52
CA TRP A 34 -3.89 -5.09 -6.48
C TRP A 34 -2.74 -5.24 -7.46
N ALA A 35 -2.22 -4.10 -7.87
CA ALA A 35 -1.08 -4.06 -8.77
C ALA A 35 0.14 -4.79 -8.18
N VAL A 36 0.45 -4.55 -6.90
CA VAL A 36 1.58 -5.26 -6.33
C VAL A 36 1.32 -6.77 -6.27
N ALA A 37 0.09 -7.16 -5.89
CA ALA A 37 -0.28 -8.59 -5.76
C ALA A 37 -0.08 -9.31 -7.07
N LYS A 38 -0.52 -8.66 -8.13
CA LYS A 38 -0.35 -9.20 -9.49
C LYS A 38 1.14 -9.46 -9.86
N SER A 39 2.00 -8.45 -9.62
CA SER A 39 3.43 -8.63 -9.88
C SER A 39 4.00 -9.76 -9.05
N LEU A 40 3.70 -9.73 -7.75
CA LEU A 40 4.24 -10.79 -6.90
C LEU A 40 3.79 -12.17 -7.36
N ALA A 41 2.51 -12.24 -7.76
CA ALA A 41 1.95 -13.47 -8.25
C ALA A 41 2.65 -13.92 -9.54
N ALA A 42 2.91 -12.95 -10.44
CA ALA A 42 3.63 -13.28 -11.64
C ALA A 42 5.01 -13.88 -11.29
N ALA A 43 5.66 -13.33 -10.27
CA ALA A 43 6.97 -13.77 -9.86
C ALA A 43 6.95 -15.16 -9.13
N GLY A 44 5.76 -15.65 -8.87
CA GLY A 44 5.65 -16.95 -8.25
C GLY A 44 5.29 -16.97 -6.78
N ALA A 45 5.02 -15.84 -6.19
CA ALA A 45 4.69 -15.87 -4.80
C ALA A 45 3.26 -16.36 -4.54
N GLU A 46 3.08 -16.93 -3.37
CA GLU A 46 1.76 -17.31 -2.90
C GLU A 46 1.12 -16.06 -2.19
N ILE A 47 -0.11 -15.73 -2.58
CA ILE A 47 -0.76 -14.52 -2.20
C ILE A 47 -1.85 -14.64 -1.11
N LEU A 48 -1.60 -13.97 0.03
CA LEU A 48 -2.58 -13.79 1.11
C LEU A 48 -2.97 -12.32 1.12
N VAL A 49 -4.26 -12.03 1.29
CA VAL A 49 -4.81 -10.67 1.22
C VAL A 49 -5.51 -10.26 2.50
N GLY A 50 -5.26 -9.04 2.94
CA GLY A 50 -5.90 -8.43 4.10
C GLY A 50 -6.86 -7.35 3.59
N THR A 51 -8.15 -7.58 3.76
CA THR A 51 -9.19 -6.69 3.20
C THR A 51 -9.95 -5.98 4.31
N TRP A 52 -10.08 -4.66 4.19
CA TRP A 52 -10.78 -3.84 5.16
C TRP A 52 -12.17 -4.40 5.43
N VAL A 53 -12.61 -4.50 6.87
CA VAL A 53 -13.71 -5.48 6.86
C VAL A 53 -15.00 -4.84 6.34
N PRO A 54 -15.26 -3.48 6.18
CA PRO A 54 -16.41 -2.98 5.49
C PRO A 54 -16.44 -3.28 4.00
N ALA A 55 -15.33 -3.70 3.46
CA ALA A 55 -15.24 -3.96 2.03
C ALA A 55 -15.30 -5.41 1.66
N LEU A 56 -15.13 -6.24 2.66
CA LEU A 56 -14.98 -7.67 2.52
C LEU A 56 -16.00 -8.29 1.60
N ASN A 57 -17.23 -8.07 1.94
CA ASN A 57 -18.28 -8.73 1.22
C ASN A 57 -18.31 -8.51 -0.24
N ILE A 58 -18.28 -7.28 -0.63
CA ILE A 58 -18.35 -6.96 -2.03
C ILE A 58 -17.12 -7.41 -2.78
N PHE A 59 -16.00 -7.44 -2.05
CA PHE A 59 -14.76 -7.88 -2.67
C PHE A 59 -14.84 -9.38 -2.95
N GLU A 60 -15.10 -10.16 -1.90
CA GLU A 60 -15.19 -11.60 -2.08
C GLU A 60 -16.28 -11.99 -3.08
N THR A 61 -17.41 -11.30 -3.04
CA THR A 61 -18.49 -11.57 -4.02
C THR A 61 -18.07 -11.34 -5.47
N SER A 62 -17.53 -10.16 -5.74
CA SER A 62 -17.09 -9.85 -7.08
C SER A 62 -16.09 -10.90 -7.60
N LEU A 63 -15.20 -11.29 -6.71
CA LEU A 63 -14.17 -12.22 -7.02
C LEU A 63 -14.80 -13.54 -7.42
N ARG A 64 -15.81 -13.94 -6.67
CA ARG A 64 -16.51 -15.20 -6.94
C ARG A 64 -17.32 -15.17 -8.22
N ARG A 65 -17.90 -14.03 -8.50
CA ARG A 65 -18.68 -13.87 -9.71
C ARG A 65 -17.83 -13.77 -10.97
N GLY A 66 -16.53 -13.68 -10.79
CA GLY A 66 -15.62 -13.54 -11.92
C GLY A 66 -15.48 -12.05 -12.34
N LYS A 67 -15.91 -11.10 -11.51
CA LYS A 67 -15.85 -9.70 -11.90
C LYS A 67 -14.48 -9.13 -12.07
N PHE A 68 -13.47 -9.74 -11.48
CA PHE A 68 -12.09 -9.22 -11.60
C PHE A 68 -11.26 -10.04 -12.53
N ASP A 69 -11.89 -10.98 -13.26
CA ASP A 69 -11.15 -11.90 -14.10
C ASP A 69 -10.22 -11.26 -15.14
N GLN A 70 -10.67 -10.19 -15.80
CA GLN A 70 -9.79 -9.51 -16.73
C GLN A 70 -8.58 -8.93 -16.01
N SER A 71 -8.84 -8.34 -14.81
CA SER A 71 -7.76 -7.79 -13.96
C SER A 71 -6.80 -8.81 -13.37
N ARG A 72 -7.21 -10.08 -13.38
CA ARG A 72 -6.39 -11.18 -12.84
C ARG A 72 -5.39 -11.73 -13.81
N VAL A 73 -5.46 -11.25 -15.06
CA VAL A 73 -4.56 -11.74 -16.08
C VAL A 73 -3.07 -11.29 -15.90
N LEU A 74 -2.26 -12.35 -15.80
CA LEU A 74 -0.82 -12.26 -15.64
C LEU A 74 -0.16 -12.34 -17.00
N PRO A 75 1.10 -12.08 -17.05
CA PRO A 75 1.80 -12.02 -18.28
C PRO A 75 1.85 -13.32 -19.04
N ASP A 76 1.75 -14.39 -18.31
CA ASP A 76 1.79 -15.68 -19.00
C ASP A 76 0.40 -16.14 -19.48
N GLY A 77 -0.58 -15.26 -19.37
CA GLY A 77 -1.96 -15.59 -19.71
C GLY A 77 -2.75 -16.31 -18.58
N SER A 78 -2.05 -16.77 -17.55
CA SER A 78 -2.74 -17.40 -16.47
C SER A 78 -3.41 -16.33 -15.57
N LEU A 79 -4.29 -16.80 -14.69
CA LEU A 79 -5.04 -15.98 -13.76
C LEU A 79 -4.43 -16.00 -12.37
N MET A 80 -4.30 -14.84 -11.75
CA MET A 80 -3.74 -14.79 -10.41
C MET A 80 -4.69 -15.48 -9.47
N GLU A 81 -4.14 -16.23 -8.54
CA GLU A 81 -4.90 -16.89 -7.49
C GLU A 81 -4.67 -16.20 -6.15
N ILE A 82 -5.72 -15.89 -5.44
CA ILE A 82 -5.55 -15.37 -4.11
C ILE A 82 -5.75 -16.57 -3.19
N LYS A 83 -4.69 -16.96 -2.49
CA LYS A 83 -4.75 -18.14 -1.63
C LYS A 83 -5.75 -18.03 -0.48
N LYS A 84 -5.89 -16.84 0.08
CA LYS A 84 -6.80 -16.59 1.16
C LYS A 84 -6.98 -15.12 1.44
N VAL A 85 -8.24 -14.73 1.69
CA VAL A 85 -8.62 -13.35 2.04
C VAL A 85 -8.90 -13.31 3.51
N TYR A 86 -8.28 -12.37 4.21
CA TYR A 86 -8.44 -12.23 5.63
C TYR A 86 -9.08 -10.86 5.91
N PRO A 87 -10.15 -10.80 6.67
CA PRO A 87 -10.67 -9.48 6.98
C PRO A 87 -9.68 -8.79 7.92
N LEU A 88 -9.62 -7.50 7.84
CA LEU A 88 -8.68 -6.75 8.66
C LEU A 88 -9.13 -5.32 8.85
N ASP A 89 -8.98 -4.87 10.15
CA ASP A 89 -9.06 -3.40 10.27
C ASP A 89 -7.87 -2.88 11.08
N ALA A 90 -6.97 -2.30 10.30
CA ALA A 90 -5.66 -1.93 10.80
C ALA A 90 -5.56 -0.75 11.70
N VAL A 91 -6.71 -0.19 12.14
CA VAL A 91 -6.62 0.84 13.14
C VAL A 91 -6.81 0.19 14.48
N PHE A 92 -7.11 -1.12 14.48
CA PHE A 92 -7.30 -1.81 15.77
C PHE A 92 -6.30 -2.95 15.98
N ASP A 93 -5.51 -2.82 17.05
CA ASP A 93 -4.41 -3.78 17.34
C ASP A 93 -4.88 -5.05 17.97
N ASN A 94 -5.71 -4.85 19.07
CA ASN A 94 -6.30 -6.09 19.57
C ASN A 94 -7.78 -5.89 19.88
N PRO A 95 -8.49 -6.95 20.26
CA PRO A 95 -9.94 -6.94 20.45
C PRO A 95 -10.39 -5.98 21.52
N GLU A 96 -9.60 -5.86 22.56
CA GLU A 96 -9.95 -4.97 23.68
C GLU A 96 -9.83 -3.51 23.26
N ASP A 97 -9.31 -3.21 22.05
CA ASP A 97 -9.25 -1.85 21.57
C ASP A 97 -10.48 -1.43 20.80
N VAL A 98 -11.33 -2.40 20.51
CA VAL A 98 -12.53 -2.12 19.78
C VAL A 98 -13.69 -1.70 20.71
N PRO A 99 -14.30 -0.62 20.25
CA PRO A 99 -15.46 0.04 20.85
C PRO A 99 -16.70 -0.69 20.50
N GLU A 100 -17.61 -0.77 21.51
CA GLU A 100 -18.93 -1.39 21.42
C GLU A 100 -19.61 -0.93 20.16
N ASP A 101 -19.47 0.20 20.01
CA ASP A 101 -19.69 1.13 18.89
C ASP A 101 -19.44 0.41 17.56
N VAL A 102 -18.20 0.08 17.31
CA VAL A 102 -17.76 -0.59 16.11
C VAL A 102 -18.07 -2.08 16.09
N LYS A 103 -17.91 -2.73 17.23
CA LYS A 103 -18.15 -4.15 17.30
C LYS A 103 -19.57 -4.51 16.93
N ALA A 104 -20.47 -3.59 17.24
CA ALA A 104 -21.90 -3.76 17.00
C ALA A 104 -22.37 -3.52 15.53
N ASN A 105 -21.63 -2.70 14.74
CA ASN A 105 -22.00 -2.48 13.34
C ASN A 105 -22.09 -3.80 12.53
N LYS A 106 -23.15 -3.86 11.69
CA LYS A 106 -23.46 -5.00 10.84
C LYS A 106 -22.24 -5.65 10.23
N ARG A 107 -21.46 -4.82 9.54
CA ARG A 107 -20.26 -5.26 8.86
C ARG A 107 -19.29 -5.97 9.77
N TYR A 108 -18.89 -5.30 10.84
CA TYR A 108 -17.90 -5.88 11.73
C TYR A 108 -18.45 -7.02 12.52
N ALA A 109 -19.77 -7.03 12.57
CA ALA A 109 -20.53 -8.03 13.27
C ALA A 109 -20.46 -9.35 12.53
N GLY A 110 -20.55 -9.23 11.19
CA GLY A 110 -20.50 -10.38 10.32
C GLY A 110 -19.18 -11.18 10.35
N SER A 111 -18.06 -10.55 10.65
CA SER A 111 -16.83 -11.33 10.62
C SER A 111 -16.07 -11.31 11.92
N SER A 112 -14.92 -12.03 11.90
CA SER A 112 -14.10 -12.08 13.10
C SER A 112 -12.61 -12.09 12.80
N ASN A 113 -11.80 -12.01 13.91
CA ASN A 113 -10.33 -12.04 13.89
C ASN A 113 -9.71 -10.97 12.99
N TRP A 114 -10.32 -9.80 13.02
CA TRP A 114 -9.94 -8.79 12.10
C TRP A 114 -9.05 -7.75 12.69
N THR A 115 -8.72 -7.92 14.00
CA THR A 115 -7.75 -6.97 14.60
C THR A 115 -6.35 -7.38 14.13
N VAL A 116 -5.34 -6.49 14.23
CA VAL A 116 -3.99 -6.87 13.73
C VAL A 116 -3.42 -8.09 14.44
N GLN A 117 -3.55 -8.06 15.76
CA GLN A 117 -3.10 -9.17 16.56
C GLN A 117 -3.76 -10.51 16.10
N GLU A 118 -5.10 -10.46 15.89
CA GLU A 118 -5.87 -11.66 15.45
C GLU A 118 -5.55 -12.16 14.04
N ALA A 119 -5.42 -11.24 13.11
CA ALA A 119 -5.09 -11.68 11.74
C ALA A 119 -3.75 -12.34 11.72
N ALA A 120 -2.80 -11.67 12.36
CA ALA A 120 -1.46 -12.27 12.38
C ALA A 120 -1.48 -13.68 13.02
N GLU A 121 -2.24 -13.86 14.09
CA GLU A 121 -2.28 -15.18 14.71
C GLU A 121 -2.92 -16.20 13.81
N CYS A 122 -3.85 -15.73 12.98
CA CYS A 122 -4.52 -16.63 12.03
C CYS A 122 -3.58 -17.04 10.94
N VAL A 123 -2.86 -16.08 10.40
CA VAL A 123 -1.89 -16.42 9.37
C VAL A 123 -0.93 -17.44 9.94
N ARG A 124 -0.50 -17.19 11.18
CA ARG A 124 0.45 -18.09 11.76
C ARG A 124 -0.09 -19.50 11.81
N GLN A 125 -1.36 -19.60 12.24
CA GLN A 125 -2.02 -20.89 12.37
C GLN A 125 -2.19 -21.55 11.02
N ASP A 126 -2.61 -20.76 10.04
CA ASP A 126 -2.84 -21.25 8.72
C ASP A 126 -1.65 -21.68 7.92
N PHE A 127 -0.58 -20.90 8.00
CA PHE A 127 0.55 -21.10 7.10
C PHE A 127 1.85 -21.17 7.80
N GLY A 128 1.83 -20.74 9.02
CA GLY A 128 3.05 -20.80 9.76
C GLY A 128 4.03 -19.66 9.52
N SER A 129 4.17 -19.17 8.27
CA SER A 129 5.13 -18.11 8.01
C SER A 129 4.89 -17.36 6.75
N ILE A 130 5.50 -16.21 6.67
CA ILE A 130 5.43 -15.42 5.48
C ILE A 130 6.83 -14.89 5.19
N ASP A 131 7.03 -14.38 3.97
CA ASP A 131 8.32 -13.84 3.61
C ASP A 131 8.22 -12.37 3.29
N ILE A 132 7.06 -11.97 2.79
CA ILE A 132 6.90 -10.59 2.34
C ILE A 132 5.67 -9.90 2.91
N LEU A 133 5.84 -8.70 3.33
CA LEU A 133 4.75 -7.91 3.86
C LEU A 133 4.56 -6.68 3.01
N VAL A 134 3.33 -6.47 2.50
CA VAL A 134 3.04 -5.29 1.72
C VAL A 134 1.98 -4.48 2.42
N HIS A 135 2.28 -3.20 2.58
CA HIS A 135 1.34 -2.26 3.17
C HIS A 135 0.85 -1.32 2.10
N SER A 136 -0.39 -1.38 1.94
CA SER A 136 -0.93 -0.52 0.88
C SER A 136 -2.23 0.13 1.34
N LEU A 137 -2.28 0.45 2.68
CA LEU A 137 -3.54 1.08 3.10
C LEU A 137 -3.26 2.44 3.73
N ALA A 138 -4.25 3.32 3.47
CA ALA A 138 -4.24 4.72 3.87
C ALA A 138 -5.68 5.23 4.00
N ASN A 139 -5.85 6.13 4.83
CA ASN A 139 -7.20 6.58 5.08
C ASN A 139 -7.15 7.88 5.87
N GLY A 140 -7.89 8.88 5.43
CA GLY A 140 -7.91 10.14 6.15
C GLY A 140 -9.22 10.86 5.96
N PRO A 141 -10.01 10.83 7.01
CA PRO A 141 -11.33 11.47 7.07
C PRO A 141 -11.40 12.91 6.59
N GLU A 142 -10.33 13.70 6.82
CA GLU A 142 -10.38 15.13 6.45
C GLU A 142 -9.42 15.48 5.30
N VAL A 143 -9.18 14.52 4.44
CA VAL A 143 -8.21 14.71 3.39
C VAL A 143 -8.48 15.89 2.49
N SER A 144 -9.71 16.30 2.39
CA SER A 144 -9.98 17.46 1.54
C SER A 144 -9.75 18.85 2.20
N LYS A 145 -9.48 18.89 3.48
CA LYS A 145 -9.25 20.14 4.22
C LYS A 145 -7.75 20.56 4.30
N PRO A 146 -7.48 21.85 4.30
CA PRO A 146 -6.12 22.30 4.48
C PRO A 146 -5.72 21.99 5.89
N LEU A 147 -4.39 22.00 6.17
CA LEU A 147 -3.98 21.73 7.52
C LEU A 147 -4.61 22.71 8.48
N LEU A 148 -4.63 23.99 8.07
CA LEU A 148 -5.16 25.03 8.93
C LEU A 148 -6.60 24.72 9.36
N GLU A 149 -7.27 23.86 8.62
CA GLU A 149 -8.67 23.55 8.94
C GLU A 149 -8.87 22.15 9.42
N THR A 150 -7.79 21.36 9.56
CA THR A 150 -7.88 19.97 10.01
C THR A 150 -8.02 19.80 11.53
N SER A 151 -8.95 18.97 11.98
CA SER A 151 -9.09 18.80 13.44
C SER A 151 -8.07 17.81 13.97
N ARG A 152 -7.85 17.88 15.28
CA ARG A 152 -6.91 16.99 15.91
C ARG A 152 -7.31 15.56 15.63
N LYS A 153 -8.60 15.29 15.79
CA LYS A 153 -9.13 13.98 15.61
C LYS A 153 -8.93 13.50 14.18
N GLY A 154 -9.13 14.41 13.24
CA GLY A 154 -8.96 14.06 11.84
C GLY A 154 -7.51 13.81 11.50
N TYR A 155 -6.65 14.67 12.04
CA TYR A 155 -5.21 14.52 11.86
C TYR A 155 -4.67 13.17 12.43
N LEU A 156 -5.04 12.87 13.66
CA LEU A 156 -4.65 11.61 14.29
C LEU A 156 -5.22 10.37 13.61
N ALA A 157 -6.37 10.49 13.03
CA ALA A 157 -7.00 9.37 12.38
C ALA A 157 -6.21 9.00 11.15
N ALA A 158 -5.78 10.02 10.44
CA ALA A 158 -4.98 9.82 9.27
C ALA A 158 -3.63 9.15 9.64
N ILE A 159 -3.02 9.63 10.72
CA ILE A 159 -1.78 9.07 11.17
C ILE A 159 -1.98 7.64 11.61
N SER A 160 -3.01 7.45 12.36
CA SER A 160 -3.30 6.12 12.88
C SER A 160 -3.51 5.05 11.75
N ALA A 161 -4.35 5.38 10.77
CA ALA A 161 -4.60 4.42 9.70
C ALA A 161 -3.51 4.39 8.64
N SER A 162 -2.81 5.48 8.44
CA SER A 162 -1.85 5.52 7.33
C SER A 162 -0.38 5.34 7.73
N SER A 163 -0.03 5.61 8.98
CA SER A 163 1.37 5.43 9.45
C SER A 163 1.53 4.35 10.51
N TYR A 164 0.91 4.56 11.66
CA TYR A 164 1.03 3.58 12.71
C TYR A 164 0.57 2.18 12.26
N SER A 165 -0.44 2.09 11.40
CA SER A 165 -0.88 0.76 10.93
C SER A 165 0.30 -0.05 10.35
N PHE A 166 1.31 0.62 9.74
CA PHE A 166 2.46 -0.12 9.20
C PHE A 166 3.32 -0.66 10.37
N VAL A 167 3.56 0.22 11.37
CA VAL A 167 4.32 -0.20 12.55
C VAL A 167 3.67 -1.44 13.20
N SER A 168 2.35 -1.40 13.31
CA SER A 168 1.63 -2.44 13.94
C SER A 168 1.72 -3.73 13.17
N LEU A 169 1.48 -3.64 11.88
CA LEU A 169 1.55 -4.83 11.05
C LEU A 169 2.90 -5.51 11.13
N LEU A 170 3.95 -4.70 10.92
CA LEU A 170 5.32 -5.20 10.94
C LEU A 170 5.64 -5.89 12.28
N SER A 171 5.32 -5.17 13.33
CA SER A 171 5.58 -5.61 14.65
C SER A 171 4.87 -6.95 14.98
N HIS A 172 3.66 -7.09 14.55
CA HIS A 172 2.90 -8.28 14.85
C HIS A 172 3.28 -9.42 13.93
N PHE A 173 3.65 -9.10 12.70
CA PHE A 173 4.03 -10.17 11.78
C PHE A 173 5.50 -10.61 11.91
N LEU A 174 6.36 -9.71 12.37
CA LEU A 174 7.80 -10.00 12.44
C LEU A 174 8.19 -11.40 12.98
N PRO A 175 7.53 -11.83 13.99
CA PRO A 175 7.86 -13.11 14.57
C PRO A 175 7.62 -14.25 13.64
N ILE A 176 6.75 -14.04 12.69
CA ILE A 176 6.52 -15.13 11.73
C ILE A 176 7.10 -14.88 10.34
N MET A 177 7.98 -13.87 10.22
CA MET A 177 8.62 -13.60 8.95
C MET A 177 9.94 -14.31 8.89
N ASN A 178 10.20 -14.96 7.78
CA ASN A 178 11.47 -15.65 7.63
C ASN A 178 12.57 -14.65 7.38
N PRO A 179 13.72 -14.83 8.02
CA PRO A 179 14.85 -13.95 7.79
C PRO A 179 15.22 -13.92 6.34
N GLY A 180 15.67 -12.72 5.88
CA GLY A 180 15.94 -12.48 4.46
C GLY A 180 14.69 -12.11 3.70
N GLY A 181 13.57 -11.93 4.45
CA GLY A 181 12.31 -11.48 3.87
C GLY A 181 12.31 -9.92 3.81
N ALA A 182 11.17 -9.33 3.49
CA ALA A 182 11.13 -7.90 3.26
C ALA A 182 9.72 -7.35 3.34
N SER A 183 9.66 -6.04 3.51
CA SER A 183 8.40 -5.39 3.48
C SER A 183 8.50 -4.20 2.57
N ILE A 184 7.34 -3.74 2.10
CA ILE A 184 7.28 -2.58 1.22
C ILE A 184 6.00 -1.82 1.50
N SER A 185 6.06 -0.49 1.49
CA SER A 185 4.86 0.36 1.69
C SER A 185 4.78 1.35 0.53
N LEU A 186 3.69 2.10 0.45
CA LEU A 186 3.54 3.09 -0.62
C LEU A 186 3.47 4.48 0.00
N THR A 187 4.23 5.41 -0.59
CA THR A 187 4.25 6.79 -0.11
C THR A 187 3.98 7.82 -1.23
N TYR A 188 3.99 9.10 -0.87
CA TYR A 188 3.71 10.13 -1.82
C TYR A 188 4.48 11.36 -1.47
N ILE A 189 4.92 12.08 -2.50
CA ILE A 189 5.81 13.29 -2.38
C ILE A 189 5.32 14.37 -1.44
N ALA A 190 4.02 14.39 -1.18
CA ALA A 190 3.50 15.42 -0.32
C ALA A 190 4.22 15.43 1.02
N SER A 191 4.86 14.31 1.39
CA SER A 191 5.62 14.29 2.64
C SER A 191 6.79 15.31 2.65
N GLU A 192 7.47 15.44 1.50
CA GLU A 192 8.68 16.26 1.35
C GLU A 192 8.51 17.60 0.72
N ARG A 193 7.49 17.75 -0.09
CA ARG A 193 7.24 18.99 -0.81
C ARG A 193 5.80 19.41 -0.62
N ILE A 194 5.53 20.66 -0.87
CA ILE A 194 4.16 21.17 -0.72
C ILE A 194 3.31 20.77 -1.92
N ILE A 195 2.28 19.96 -1.65
CA ILE A 195 1.26 19.57 -2.66
C ILE A 195 -0.11 20.07 -2.15
N PRO A 196 -0.57 21.24 -2.61
CA PRO A 196 -1.87 21.71 -2.18
C PRO A 196 -2.96 20.74 -2.60
N GLY A 197 -3.90 20.53 -1.69
CA GLY A 197 -4.98 19.62 -1.95
C GLY A 197 -4.78 18.24 -1.35
N TYR A 198 -3.61 17.95 -0.85
CA TYR A 198 -3.39 16.66 -0.20
C TYR A 198 -3.47 16.95 1.30
N GLY A 199 -4.71 17.08 1.80
CA GLY A 199 -4.94 17.61 3.13
C GLY A 199 -5.16 16.63 4.20
N GLY A 200 -5.70 17.16 5.29
CA GLY A 200 -6.13 16.39 6.41
C GLY A 200 -5.03 15.67 7.18
N GLY A 201 -3.79 16.08 7.07
CA GLY A 201 -2.73 15.37 7.81
C GLY A 201 -2.25 14.15 7.04
N MET A 202 -2.69 13.99 5.77
CA MET A 202 -2.22 12.86 4.98
C MET A 202 -0.76 13.13 4.58
N SER A 203 -0.42 14.42 4.36
CA SER A 203 0.97 14.68 4.04
C SER A 203 1.85 14.32 5.28
N SER A 204 1.33 14.71 6.48
CA SER A 204 1.94 14.45 7.76
C SER A 204 2.17 12.96 7.94
N ALA A 205 1.14 12.19 7.58
CA ALA A 205 1.20 10.76 7.73
C ALA A 205 2.19 10.16 6.80
N LYS A 206 2.30 10.67 5.59
CA LYS A 206 3.30 10.07 4.67
C LYS A 206 4.71 10.37 5.15
N ALA A 207 4.91 11.57 5.75
CA ALA A 207 6.22 11.94 6.33
C ALA A 207 6.57 10.98 7.46
N ALA A 208 5.61 10.68 8.31
CA ALA A 208 5.91 9.72 9.41
C ALA A 208 6.27 8.29 8.84
N LEU A 209 5.50 7.85 7.86
CA LEU A 209 5.67 6.55 7.28
C LEU A 209 7.07 6.45 6.72
N GLU A 210 7.52 7.51 6.00
CA GLU A 210 8.87 7.48 5.44
C GLU A 210 9.97 7.42 6.52
N SER A 211 9.83 8.23 7.53
CA SER A 211 10.77 8.24 8.61
C SER A 211 10.80 6.92 9.33
N ASP A 212 9.63 6.34 9.55
CA ASP A 212 9.51 5.01 10.19
C ASP A 212 10.12 3.93 9.34
N THR A 213 10.06 4.08 8.02
CA THR A 213 10.69 3.10 7.15
C THR A 213 12.17 2.96 7.45
N ARG A 214 12.85 4.09 7.57
CA ARG A 214 14.26 4.10 7.88
C ARG A 214 14.50 3.47 9.26
N VAL A 215 13.78 3.95 10.26
CA VAL A 215 13.96 3.42 11.62
C VAL A 215 13.73 1.91 11.70
N LEU A 216 12.62 1.46 11.11
CA LEU A 216 12.32 0.03 11.11
C LEU A 216 13.34 -0.79 10.28
N ALA A 217 13.93 -0.19 9.25
CA ALA A 217 15.01 -0.90 8.49
C ALA A 217 16.16 -1.27 9.44
N PHE A 218 16.43 -0.35 10.36
CA PHE A 218 17.44 -0.59 11.37
C PHE A 218 16.96 -1.60 12.41
N GLU A 219 15.81 -1.34 12.97
CA GLU A 219 15.29 -2.25 13.99
C GLU A 219 15.07 -3.68 13.54
N ALA A 220 14.39 -3.84 12.43
CA ALA A 220 14.11 -5.16 11.89
C ALA A 220 15.28 -5.74 11.13
N GLY A 221 16.11 -4.90 10.58
CA GLY A 221 17.28 -5.46 9.88
C GLY A 221 18.25 -6.15 10.83
N ARG A 222 18.52 -5.46 11.93
CA ARG A 222 19.39 -5.98 12.95
C ARG A 222 18.71 -7.11 13.72
N LYS A 223 17.42 -7.03 13.86
CA LYS A 223 16.75 -8.01 14.66
C LYS A 223 16.47 -9.29 13.93
N GLN A 224 16.06 -9.18 12.71
CA GLN A 224 15.68 -10.38 12.02
C GLN A 224 16.18 -10.48 10.57
N ASN A 225 17.07 -9.54 10.16
CA ASN A 225 17.54 -9.57 8.78
C ASN A 225 16.45 -9.40 7.75
N ILE A 226 15.55 -8.47 8.05
CA ILE A 226 14.43 -8.13 7.18
C ILE A 226 14.68 -6.75 6.55
N ARG A 227 14.47 -6.65 5.24
CA ARG A 227 14.61 -5.36 4.55
C ARG A 227 13.31 -4.58 4.58
N VAL A 228 13.43 -3.23 4.72
CA VAL A 228 12.26 -2.35 4.81
C VAL A 228 12.44 -1.16 3.86
N ASN A 229 11.56 -1.00 2.86
CA ASN A 229 11.63 0.10 1.93
C ASN A 229 10.25 0.65 1.65
N THR A 230 10.20 1.82 1.00
CA THR A 230 8.93 2.40 0.56
C THR A 230 9.03 2.96 -0.88
N ILE A 231 7.93 2.93 -1.59
CA ILE A 231 7.93 3.45 -2.96
C ILE A 231 7.16 4.73 -2.96
N SER A 232 7.75 5.82 -3.43
CA SER A 232 7.05 7.13 -3.53
C SER A 232 6.47 7.19 -4.91
N ALA A 233 5.21 6.79 -5.03
CA ALA A 233 4.58 6.65 -6.35
C ALA A 233 3.88 7.90 -6.82
N GLY A 234 3.68 8.01 -8.14
CA GLY A 234 2.96 9.18 -8.64
C GLY A 234 1.50 8.78 -8.77
N PRO A 235 0.68 9.64 -9.30
CA PRO A 235 -0.73 9.37 -9.57
C PRO A 235 -0.95 8.23 -10.56
N LEU A 236 -1.75 7.37 -10.26
CA LEU A 236 -2.07 6.10 -10.94
C LEU A 236 -3.20 6.33 -11.95
N GLY A 237 -3.00 5.94 -13.23
CA GLY A 237 -4.02 5.94 -14.31
C GLY A 237 -3.85 6.93 -15.50
N SER A 238 -4.76 6.78 -16.46
CA SER A 238 -4.65 7.62 -17.62
C SER A 238 -5.50 8.87 -17.46
N ARG A 239 -5.32 9.79 -18.39
CA ARG A 239 -5.97 11.05 -18.29
C ARG A 239 -7.46 11.02 -18.46
N ALA A 240 -8.11 11.84 -17.67
CA ALA A 240 -9.53 12.05 -17.72
C ALA A 240 -9.85 12.93 -18.90
N ALA A 241 -11.05 12.77 -19.43
CA ALA A 241 -11.53 13.61 -20.50
C ALA A 241 -11.58 15.06 -19.99
N LYS A 242 -11.97 15.19 -18.74
CA LYS A 242 -12.06 16.47 -18.12
C LYS A 242 -11.60 16.31 -16.70
N ALA A 243 -10.42 16.77 -16.45
CA ALA A 243 -9.86 16.53 -15.15
C ALA A 243 -10.46 17.46 -14.20
N ILE A 244 -11.09 16.88 -13.24
CA ILE A 244 -11.74 17.57 -12.16
C ILE A 244 -11.57 16.66 -10.92
N GLY A 245 -11.10 17.22 -9.85
CA GLY A 245 -10.80 16.36 -8.70
C GLY A 245 -9.28 16.22 -8.56
N PHE A 246 -8.77 15.98 -7.36
CA PHE A 246 -7.35 15.93 -7.07
C PHE A 246 -6.53 14.99 -7.94
N ILE A 247 -6.92 13.73 -7.94
CA ILE A 247 -6.18 12.75 -8.64
C ILE A 247 -6.02 13.00 -10.13
N ASP A 248 -7.18 13.28 -10.76
CA ASP A 248 -7.22 13.48 -12.19
C ASP A 248 -6.41 14.64 -12.59
N THR A 249 -6.46 15.60 -11.76
CA THR A 249 -5.69 16.81 -11.99
C THR A 249 -4.17 16.50 -11.89
N MET A 250 -3.78 15.67 -10.87
CA MET A 250 -2.34 15.38 -10.74
C MET A 250 -1.84 14.49 -11.89
N ILE A 251 -2.74 13.66 -12.38
CA ILE A 251 -2.39 12.80 -13.52
C ILE A 251 -1.98 13.64 -14.72
N GLU A 252 -2.76 14.67 -14.93
CA GLU A 252 -2.57 15.57 -16.02
C GLU A 252 -1.32 16.42 -15.84
N TYR A 253 -1.17 16.93 -14.62
CA TYR A 253 0.00 17.69 -14.23
C TYR A 253 1.30 16.91 -14.51
N SER A 254 1.34 15.68 -14.03
CA SER A 254 2.48 14.82 -14.18
C SER A 254 2.80 14.50 -15.66
N TYR A 255 1.80 14.24 -16.40
CA TYR A 255 1.97 13.92 -17.77
C TYR A 255 2.63 15.09 -18.50
N ASN A 256 2.13 16.26 -18.25
CA ASN A 256 2.70 17.46 -18.88
C ASN A 256 4.07 17.82 -18.38
N ASN A 257 4.32 17.57 -17.13
CA ASN A 257 5.52 18.11 -16.54
C ASN A 257 6.65 17.13 -16.16
N ALA A 258 6.47 15.81 -16.29
CA ALA A 258 7.55 14.91 -15.92
C ALA A 258 8.64 14.87 -16.99
N PRO A 259 9.86 14.45 -16.62
CA PRO A 259 10.97 14.42 -17.57
C PRO A 259 10.68 13.50 -18.75
N ILE A 260 9.92 12.50 -18.50
CA ILE A 260 9.49 11.62 -19.53
C ILE A 260 7.95 11.76 -19.64
N GLN A 261 7.46 12.10 -20.82
CA GLN A 261 6.04 12.36 -20.97
C GLN A 261 5.21 11.10 -21.19
N LYS A 262 4.58 10.66 -20.12
CA LYS A 262 3.79 9.45 -20.17
C LYS A 262 2.93 9.36 -18.92
N THR A 263 1.98 8.44 -18.97
CA THR A 263 1.19 8.22 -17.76
C THR A 263 1.86 7.16 -16.89
N LEU A 264 1.31 6.92 -15.70
CA LEU A 264 1.85 5.88 -14.81
C LEU A 264 0.88 4.71 -14.79
N THR A 265 1.34 3.49 -14.98
CA THR A 265 0.43 2.32 -14.87
C THR A 265 0.71 1.49 -13.62
N ALA A 266 -0.29 0.76 -13.17
CA ALA A 266 -0.15 -0.06 -11.96
C ALA A 266 1.00 -1.08 -12.09
N ASP A 267 1.09 -1.68 -13.07
CA ASP A 267 2.18 -2.48 -13.63
C ASP A 267 3.53 -1.95 -13.11
N GLU A 268 3.70 -0.70 -13.47
CA GLU A 268 4.97 -0.06 -13.25
C GLU A 268 5.32 0.01 -11.79
N VAL A 269 4.29 0.22 -10.96
CA VAL A 269 4.52 0.25 -9.51
C VAL A 269 4.70 -1.16 -8.96
N GLY A 270 3.83 -2.08 -9.46
CA GLY A 270 3.87 -3.48 -9.03
C GLY A 270 5.22 -4.13 -9.34
N ASN A 271 5.79 -3.84 -10.53
CA ASN A 271 7.10 -4.42 -10.94
C ASN A 271 8.26 -3.92 -10.07
N ALA A 272 8.22 -2.63 -9.74
CA ALA A 272 9.22 -2.06 -8.82
C ALA A 272 9.14 -2.76 -7.48
N ALA A 273 7.90 -2.94 -7.01
CA ALA A 273 7.75 -3.60 -5.70
C ALA A 273 8.28 -4.98 -5.71
N ALA A 274 7.97 -5.73 -6.80
CA ALA A 274 8.38 -7.12 -6.89
C ALA A 274 9.90 -7.25 -6.81
N PHE A 275 10.57 -6.40 -7.54
CA PHE A 275 12.01 -6.35 -7.51
C PHE A 275 12.48 -6.10 -6.08
N LEU A 276 11.92 -5.01 -5.46
CA LEU A 276 12.34 -4.58 -4.11
C LEU A 276 12.16 -5.60 -2.98
N VAL A 277 11.15 -6.49 -3.09
CA VAL A 277 10.97 -7.51 -2.06
C VAL A 277 11.69 -8.82 -2.40
N SER A 278 12.36 -8.85 -3.54
CA SER A 278 13.08 -10.02 -3.97
C SER A 278 14.56 -10.07 -3.49
N PRO A 279 15.13 -11.22 -3.57
CA PRO A 279 16.51 -11.42 -3.16
C PRO A 279 17.52 -10.65 -3.99
N LEU A 280 17.12 -10.24 -5.24
CA LEU A 280 17.98 -9.44 -6.08
C LEU A 280 18.28 -8.09 -5.41
N ALA A 281 17.39 -7.62 -4.56
CA ALA A 281 17.49 -6.34 -3.91
C ALA A 281 18.10 -6.46 -2.52
N SER A 282 18.94 -7.45 -2.37
CA SER A 282 19.48 -7.74 -1.07
C SER A 282 20.32 -6.65 -0.41
N ALA A 283 20.76 -5.65 -1.14
CA ALA A 283 21.58 -4.57 -0.55
C ALA A 283 20.80 -3.25 -0.40
N ILE A 284 19.48 -3.35 -0.59
CA ILE A 284 18.60 -2.19 -0.52
C ILE A 284 17.67 -2.24 0.67
N THR A 285 17.82 -1.27 1.58
CA THR A 285 16.95 -1.17 2.75
C THR A 285 16.93 0.26 3.31
N GLY A 286 15.78 0.67 3.95
CA GLY A 286 15.56 2.03 4.51
C GLY A 286 15.43 3.08 3.41
N ALA A 287 15.14 2.59 2.18
CA ALA A 287 15.11 3.44 1.03
C ALA A 287 13.73 3.96 0.59
N THR A 288 13.72 5.20 0.00
CA THR A 288 12.52 5.80 -0.62
C THR A 288 12.82 5.83 -2.14
N ILE A 289 12.17 4.91 -2.87
CA ILE A 289 12.36 4.73 -4.31
C ILE A 289 11.24 5.47 -5.06
N TYR A 290 11.63 6.43 -5.93
CA TYR A 290 10.64 7.21 -6.68
C TYR A 290 10.22 6.50 -7.95
N VAL A 291 8.92 6.18 -8.04
CA VAL A 291 8.31 5.51 -9.19
C VAL A 291 7.21 6.43 -9.67
N ASP A 292 7.67 7.50 -10.33
CA ASP A 292 6.82 8.64 -10.64
C ASP A 292 7.25 9.34 -11.93
N ASN A 293 7.90 8.60 -12.85
CA ASN A 293 8.32 9.17 -14.10
C ASN A 293 9.29 10.34 -13.94
N GLY A 294 9.94 10.36 -12.83
CA GLY A 294 10.94 11.40 -12.51
C GLY A 294 10.40 12.82 -12.17
N LEU A 295 9.09 12.92 -11.88
CA LEU A 295 8.49 14.21 -11.58
C LEU A 295 9.25 14.85 -10.44
N ASN A 296 9.55 14.05 -9.45
CA ASN A 296 10.12 14.58 -8.24
C ASN A 296 11.38 15.41 -8.44
N SER A 297 12.06 15.16 -9.53
CA SER A 297 13.36 15.83 -9.78
C SER A 297 13.26 17.19 -10.40
N MET A 298 12.09 17.47 -10.97
CA MET A 298 11.85 18.74 -11.69
C MET A 298 11.84 19.90 -10.75
N GLY A 299 12.47 21.01 -11.17
CA GLY A 299 12.55 22.24 -10.36
C GLY A 299 11.49 23.30 -10.79
N VAL A 300 10.83 23.15 -11.95
CA VAL A 300 9.74 24.05 -12.39
C VAL A 300 8.76 23.27 -13.20
N ALA A 301 7.59 23.84 -13.36
CA ALA A 301 6.55 23.22 -14.19
C ALA A 301 6.78 23.71 -15.61
N LEU A 302 6.90 22.80 -16.53
CA LEU A 302 7.12 23.20 -17.92
C LEU A 302 5.91 23.95 -18.51
N ASP A 303 4.73 23.66 -17.99
CA ASP A 303 3.51 24.26 -18.53
C ASP A 303 3.11 25.61 -17.89
N SER A 304 3.95 26.14 -17.04
CA SER A 304 3.65 27.42 -16.49
C SER A 304 3.59 28.41 -17.63
N PRO A 305 2.54 29.19 -17.67
CA PRO A 305 2.37 30.19 -18.71
C PRO A 305 3.55 31.13 -18.88
N VAL A 306 4.41 31.31 -17.85
CA VAL A 306 5.57 32.19 -18.03
C VAL A 306 6.50 31.62 -19.07
N PHE A 307 6.09 30.12 -19.60
CA PHE A 307 7.36 29.74 -20.23
C PHE A 307 7.21 29.77 -21.75
N LYS A 308 5.98 29.97 -22.19
CA LYS A 308 5.69 30.15 -23.62
C LYS A 308 5.38 31.62 -23.88
PA NAD B . -7.46 2.72 -2.04
O1A NAD B . -8.12 4.00 -1.68
O2A NAD B . -8.41 1.59 -2.04
O5B NAD B . -6.27 2.43 -1.01
C5B NAD B . -6.55 2.38 0.39
C4B NAD B . -6.69 0.95 0.82
O4B NAD B . -6.65 0.89 2.26
C3B NAD B . -8.00 0.25 0.41
O3B NAD B . -7.73 -1.11 -0.01
C2B NAD B . -8.82 0.40 1.69
O2B NAD B . -9.86 -0.59 1.81
C1B NAD B . -7.77 0.22 2.75
N9A NAD B . -8.14 0.77 4.04
C8A NAD B . -8.61 2.00 4.36
N7A NAD B . -8.76 2.14 5.69
C5A NAD B . -8.41 0.90 6.22
C6A NAD B . -8.37 0.39 7.54
N6A NAD B . -8.69 1.09 8.63
N1A NAD B . -7.99 -0.90 7.69
C2A NAD B . -7.66 -1.63 6.58
N3A NAD B . -7.66 -1.25 5.34
C4A NAD B . -8.04 0.04 5.21
O3 NAD B . -6.65 2.80 -3.36
PN NAD B . -5.06 3.14 -3.62
O1N NAD B . -4.81 4.58 -3.40
O2N NAD B . -4.66 2.72 -4.98
O5D NAD B . -4.40 2.23 -2.51
C5D NAD B . -3.82 2.90 -1.42
C4D NAD B . -2.34 2.88 -1.58
O4D NAD B . -1.90 4.10 -2.24
C3D NAD B . -1.66 2.80 -0.31
O3D NAD B . -0.43 2.05 -0.32
C2D NAD B . -1.40 4.26 -0.06
O2D NAD B . -0.49 4.16 0.85
C1D NAD B . -0.99 4.80 -1.43
N1N NAD B . -1.17 6.31 -1.60
C2N NAD B . -0.53 7.05 -2.67
C3N NAD B . -0.88 8.38 -2.83
C7N NAD B . -0.21 9.17 -4.02
O7N NAD B . 0.52 8.57 -4.81
N7N NAD B . -0.46 10.49 -4.08
C4N NAD B . -1.70 9.09 -1.91
C5N NAD B . -2.15 8.30 -0.86
C6N NAD B . -1.94 6.97 -0.64
#